data_7AG1
#
_entry.id   7AG1
#
_cell.length_a   51.166
_cell.length_b   155.827
_cell.length_c   89.624
_cell.angle_alpha   90.000
_cell.angle_beta   102.900
_cell.angle_gamma   90.000
#
_symmetry.space_group_name_H-M   'C 1 2 1'
#
loop_
_entity.id
_entity.type
_entity.pdbx_description
1 polymer 'Sulfofructosephosphate aldolase'
2 non-polymer 1,2-ETHANEDIOL
3 water water
#
_entity_poly.entity_id   1
_entity_poly.type   'polypeptide(L)'
_entity_poly.pdbx_seq_one_letter_code
;MNKYTINDITRASGGFAMLAVDQREAMRMMFAAAGAPAPVADSVLTDFKVNAAKALSPYASAILVDQQFCYRQVVEQNAI
AKSCAMIVAADEFIPGNGIPVDSVVIDRKINPLQIKQDGGKALKLLVLWRSDEDAQQRLDMVKEFNELCHSHGLVSIIEP
VVRPPRRGDKFDREQAIIDAAKELGDSGADLYKVEMPLYGKGPQQELLCASQRLNDHINMPWVILSSGVDEKLFPRAVRV
AMTAGASGFLAGRAVWASVVGLPDNELMLRDVCAPKLQQLGDIVDEMMAKRRLEHHHHHH
;
_entity_poly.pdbx_strand_id   Z,X
#
# COMPACT_ATOMS: atom_id res chain seq x y z
N ASN A 2 -2.23 -19.52 35.37
CA ASN A 2 -2.59 -18.48 34.31
C ASN A 2 -2.70 -19.18 32.95
N LYS A 3 -3.92 -19.39 32.45
CA LYS A 3 -4.23 -20.09 31.18
C LYS A 3 -4.79 -19.10 30.16
N TYR A 4 -4.03 -18.78 29.11
CA TYR A 4 -4.46 -17.85 28.03
C TYR A 4 -5.47 -18.56 27.10
N THR A 5 -6.35 -17.78 26.49
CA THR A 5 -7.32 -18.23 25.45
C THR A 5 -7.09 -17.41 24.18
N ILE A 6 -7.78 -17.75 23.10
CA ILE A 6 -7.71 -16.93 21.85
C ILE A 6 -8.10 -15.48 22.13
N ASN A 7 -8.94 -15.19 23.13
CA ASN A 7 -9.32 -13.79 23.47
C ASN A 7 -8.10 -12.96 23.85
N ASP A 8 -6.95 -13.57 24.20
CA ASP A 8 -5.71 -12.83 24.54
C ASP A 8 -4.92 -12.47 23.27
N ILE A 9 -5.32 -12.93 22.08
CA ILE A 9 -4.55 -12.61 20.85
C ILE A 9 -5.45 -11.94 19.81
N THR A 10 -6.66 -11.52 20.18
CA THR A 10 -7.62 -10.87 19.22
C THR A 10 -7.62 -9.36 19.43
N ARG A 11 -8.16 -8.62 18.47
CA ARG A 11 -8.52 -7.18 18.66
C ARG A 11 -9.71 -7.08 19.63
N ALA A 12 -10.07 -5.87 20.02
CA ALA A 12 -11.18 -5.68 20.97
C ALA A 12 -12.50 -6.19 20.35
N SER A 13 -12.61 -6.23 19.02
CA SER A 13 -13.78 -6.72 18.23
C SER A 13 -13.92 -8.24 18.28
N GLY A 14 -12.90 -8.98 18.74
CA GLY A 14 -12.89 -10.46 18.75
C GLY A 14 -12.28 -11.07 17.49
N GLY A 15 -11.88 -10.23 16.52
CA GLY A 15 -11.23 -10.68 15.29
C GLY A 15 -9.72 -10.78 15.47
N PHE A 16 -9.05 -11.50 14.58
CA PHE A 16 -7.58 -11.65 14.63
C PHE A 16 -6.95 -10.81 13.53
N ALA A 17 -5.97 -9.98 13.93
CA ALA A 17 -5.20 -9.09 13.03
C ALA A 17 -3.71 -9.29 13.31
N MET A 18 -3.15 -10.34 12.76
CA MET A 18 -1.86 -10.90 13.22
C MET A 18 -0.78 -10.72 12.16
N LEU A 19 0.44 -10.48 12.63
CA LEU A 19 1.60 -10.18 11.77
C LEU A 19 2.61 -11.29 12.00
N ALA A 20 3.12 -11.88 10.91
CA ALA A 20 4.19 -12.90 10.96
C ALA A 20 5.51 -12.25 10.56
N VAL A 21 6.51 -12.29 11.44
CA VAL A 21 7.89 -11.87 11.05
C VAL A 21 8.86 -12.98 11.41
N ASP A 22 8.40 -14.23 11.42
CA ASP A 22 9.22 -15.35 11.96
C ASP A 22 9.88 -16.10 10.80
N GLN A 23 9.97 -15.50 9.61
CA GLN A 23 10.56 -16.18 8.43
C GLN A 23 12.07 -16.29 8.65
N ARG A 24 12.69 -17.36 8.15
CA ARG A 24 14.11 -17.74 8.48
C ARG A 24 14.95 -17.72 7.20
N GLU A 25 15.47 -18.85 6.73
CA GLU A 25 16.31 -18.84 5.51
C GLU A 25 15.52 -18.28 4.32
N ALA A 26 14.18 -18.40 4.29
CA ALA A 26 13.39 -17.87 3.14
C ALA A 26 13.53 -16.33 3.12
N MET A 27 13.62 -15.70 4.30
CA MET A 27 13.81 -14.25 4.43
C MET A 27 15.25 -13.89 4.01
N ARG A 28 16.27 -14.66 4.40
CA ARG A 28 17.65 -14.42 3.89
C ARG A 28 17.64 -14.45 2.35
N MET A 29 16.98 -15.41 1.72
CA MET A 29 16.93 -15.55 0.24
C MET A 29 16.22 -14.35 -0.38
N MET A 30 15.19 -13.77 0.24
CA MET A 30 14.53 -12.52 -0.25
C MET A 30 15.52 -11.35 -0.23
N PHE A 31 16.27 -11.17 0.84
CA PHE A 31 17.29 -10.09 0.93
C PHE A 31 18.33 -10.23 -0.19
N ALA A 32 18.82 -11.45 -0.48
CA ALA A 32 19.82 -11.69 -1.54
C ALA A 32 19.20 -11.39 -2.93
N ALA A 33 17.95 -11.78 -3.17
CA ALA A 33 17.26 -11.59 -4.48
C ALA A 33 16.90 -10.12 -4.70
N ALA A 34 16.86 -9.30 -3.64
CA ALA A 34 16.61 -7.84 -3.70
C ALA A 34 17.95 -7.07 -3.75
N GLY A 35 19.07 -7.79 -3.85
CA GLY A 35 20.38 -7.20 -4.20
C GLY A 35 21.26 -6.93 -3.00
N ALA A 36 20.85 -7.28 -1.79
CA ALA A 36 21.69 -7.10 -0.57
C ALA A 36 23.00 -7.84 -0.78
N PRO A 37 24.15 -7.30 -0.31
CA PRO A 37 25.46 -7.93 -0.56
C PRO A 37 25.57 -9.32 0.09
N ALA A 38 25.91 -10.35 -0.70
CA ALA A 38 25.97 -11.79 -0.31
C ALA A 38 27.38 -12.19 0.13
N PRO A 39 27.53 -13.08 1.15
CA PRO A 39 26.40 -13.71 1.82
C PRO A 39 25.74 -12.73 2.80
N VAL A 40 24.42 -12.82 2.95
CA VAL A 40 23.60 -11.92 3.82
C VAL A 40 23.78 -12.37 5.29
N ALA A 41 24.29 -11.49 6.13
CA ALA A 41 24.55 -11.76 7.57
C ALA A 41 23.23 -11.93 8.31
N ASP A 42 23.26 -12.73 9.37
CA ASP A 42 22.09 -12.95 10.26
C ASP A 42 21.57 -11.61 10.78
N SER A 43 22.47 -10.63 10.99
CA SER A 43 22.17 -9.33 11.64
C SER A 43 21.23 -8.50 10.74
N VAL A 44 21.32 -8.67 9.41
CA VAL A 44 20.38 -8.02 8.44
C VAL A 44 18.95 -8.47 8.76
N LEU A 45 18.72 -9.77 9.03
CA LEU A 45 17.36 -10.31 9.36
C LEU A 45 16.93 -9.81 10.74
N THR A 46 17.79 -9.96 11.75
CA THR A 46 17.51 -9.48 13.13
C THR A 46 17.08 -8.02 13.09
N ASP A 47 17.82 -7.15 12.39
CA ASP A 47 17.55 -5.68 12.34
C ASP A 47 16.20 -5.45 11.65
N PHE A 48 15.91 -6.12 10.54
CA PHE A 48 14.59 -6.01 9.86
C PHE A 48 13.48 -6.45 10.81
N LYS A 49 13.63 -7.62 11.46
CA LYS A 49 12.58 -8.23 12.33
C LYS A 49 12.28 -7.30 13.50
N VAL A 50 13.29 -6.72 14.13
CA VAL A 50 13.10 -5.83 15.32
C VAL A 50 12.42 -4.53 14.87
N ASN A 51 12.90 -3.94 13.79
CA ASN A 51 12.35 -2.70 13.18
C ASN A 51 10.87 -2.92 12.81
N ALA A 52 10.55 -4.07 12.22
CA ALA A 52 9.16 -4.44 11.83
C ALA A 52 8.32 -4.55 13.11
N ALA A 53 8.82 -5.19 14.17
CA ALA A 53 8.06 -5.32 15.44
C ALA A 53 7.81 -3.94 16.04
N LYS A 54 8.82 -3.08 16.05
CA LYS A 54 8.69 -1.71 16.64
C LYS A 54 7.66 -0.92 15.84
N ALA A 55 7.73 -0.97 14.51
CA ALA A 55 6.90 -0.12 13.63
C ALA A 55 5.47 -0.64 13.58
N LEU A 56 5.28 -1.96 13.58
CA LEU A 56 4.01 -2.59 13.12
C LEU A 56 3.21 -3.21 14.29
N SER A 57 3.84 -3.57 15.40
CA SER A 57 3.12 -4.22 16.53
C SER A 57 2.03 -3.29 17.07
N PRO A 58 2.13 -1.93 16.98
CA PRO A 58 1.01 -1.10 17.45
C PRO A 58 -0.25 -1.34 16.62
N TYR A 59 -0.17 -1.96 15.46
CA TYR A 59 -1.37 -2.12 14.60
C TYR A 59 -1.79 -3.59 14.53
N ALA A 60 -1.18 -4.49 15.32
CA ALA A 60 -1.41 -5.93 15.23
C ALA A 60 -1.99 -6.43 16.55
N SER A 61 -2.94 -7.36 16.53
CA SER A 61 -3.46 -7.98 17.79
C SER A 61 -2.45 -9.01 18.30
N ALA A 62 -1.62 -9.56 17.41
CA ALA A 62 -0.51 -10.45 17.80
C ALA A 62 0.57 -10.39 16.71
N ILE A 63 1.83 -10.59 17.12
CA ILE A 63 3.03 -10.72 16.24
C ILE A 63 3.70 -12.07 16.50
N LEU A 64 4.07 -12.78 15.44
CA LEU A 64 4.69 -14.13 15.44
C LEU A 64 6.19 -13.93 15.18
N VAL A 65 7.04 -14.35 16.13
CA VAL A 65 8.52 -14.22 16.08
C VAL A 65 9.21 -15.58 16.24
N ASP A 66 10.48 -15.62 15.84
CA ASP A 66 11.34 -16.84 15.85
C ASP A 66 12.50 -16.68 16.83
N GLN A 67 12.83 -17.75 17.53
CA GLN A 67 14.05 -17.82 18.36
C GLN A 67 15.29 -17.58 17.50
N GLN A 68 15.35 -18.09 16.27
CA GLN A 68 16.63 -18.15 15.53
C GLN A 68 17.15 -16.73 15.31
N PHE A 69 16.29 -15.74 15.00
CA PHE A 69 16.79 -14.43 14.53
C PHE A 69 16.34 -13.23 15.36
N CYS A 70 15.30 -13.30 16.17
CA CYS A 70 14.79 -12.06 16.81
C CYS A 70 14.12 -12.26 18.17
N TYR A 71 13.88 -13.47 18.67
CA TYR A 71 13.13 -13.58 19.97
C TYR A 71 13.81 -12.75 21.07
N ARG A 72 15.09 -13.03 21.35
CA ARG A 72 15.84 -12.38 22.46
C ARG A 72 15.80 -10.85 22.30
N GLN A 73 16.04 -10.35 21.08
CA GLN A 73 16.11 -8.89 20.79
C GLN A 73 14.73 -8.23 20.99
N VAL A 74 13.63 -8.83 20.52
CA VAL A 74 12.31 -8.12 20.58
C VAL A 74 11.91 -8.04 22.05
N VAL A 75 12.27 -9.07 22.83
CA VAL A 75 11.90 -9.18 24.28
C VAL A 75 12.75 -8.18 25.09
N GLU A 76 14.06 -8.16 24.87
CA GLU A 76 15.00 -7.29 25.64
C GLU A 76 14.85 -5.81 25.22
N GLN A 77 14.57 -5.50 23.95
CA GLN A 77 14.42 -4.07 23.53
C GLN A 77 12.97 -3.60 23.68
N ASN A 78 12.09 -4.41 24.25
CA ASN A 78 10.64 -4.10 24.41
C ASN A 78 10.08 -3.66 23.07
N ALA A 79 10.40 -4.34 21.99
CA ALA A 79 9.97 -3.94 20.63
C ALA A 79 8.45 -4.06 20.45
N ILE A 80 7.76 -4.86 21.27
CA ILE A 80 6.36 -5.27 21.00
C ILE A 80 5.42 -4.42 21.85
N ALA A 81 4.56 -3.64 21.21
CA ALA A 81 3.55 -2.79 21.88
C ALA A 81 2.73 -3.65 22.85
N LYS A 82 2.41 -3.04 24.00
CA LYS A 82 1.66 -3.64 25.12
C LYS A 82 0.30 -4.12 24.62
N SER A 83 -0.23 -3.53 23.56
CA SER A 83 -1.55 -3.90 23.01
C SER A 83 -1.44 -5.14 22.11
N CYS A 84 -0.23 -5.63 21.81
CA CYS A 84 0.03 -6.74 20.84
C CYS A 84 0.59 -7.93 21.62
N ALA A 85 -0.03 -9.11 21.46
CA ALA A 85 0.39 -10.40 22.04
C ALA A 85 1.60 -10.96 21.28
N MET A 86 2.53 -11.56 22.00
CA MET A 86 3.69 -12.21 21.38
C MET A 86 3.33 -13.68 21.19
N ILE A 87 3.47 -14.18 19.97
CA ILE A 87 3.35 -15.61 19.58
C ILE A 87 4.77 -16.03 19.20
N VAL A 88 5.21 -17.18 19.66
CA VAL A 88 6.56 -17.69 19.34
C VAL A 88 6.41 -18.93 18.45
N ALA A 89 7.16 -19.01 17.36
CA ALA A 89 7.21 -20.20 16.48
C ALA A 89 7.81 -21.36 17.28
N ALA A 90 7.23 -22.54 17.17
CA ALA A 90 7.73 -23.74 17.87
C ALA A 90 8.17 -24.80 16.85
N ASP A 91 8.40 -24.39 15.59
CA ASP A 91 8.66 -25.27 14.44
C ASP A 91 10.15 -25.23 14.10
N GLU A 92 10.75 -26.38 13.84
CA GLU A 92 12.13 -26.45 13.30
C GLU A 92 12.05 -26.81 11.81
N PHE A 93 12.49 -25.90 10.94
CA PHE A 93 12.41 -26.09 9.46
C PHE A 93 13.66 -26.89 9.06
N ILE A 94 13.46 -27.96 8.29
CA ILE A 94 14.55 -28.84 7.77
C ILE A 94 14.62 -28.64 6.26
N PRO A 95 15.77 -28.15 5.73
CA PRO A 95 15.92 -27.92 4.31
C PRO A 95 16.03 -29.27 3.62
N GLY A 96 15.85 -29.26 2.31
CA GLY A 96 16.01 -30.46 1.48
C GLY A 96 15.50 -30.19 0.09
N ASN A 97 15.96 -30.96 -0.89
CA ASN A 97 15.48 -30.85 -2.30
C ASN A 97 15.61 -29.41 -2.76
N GLY A 98 16.64 -28.72 -2.30
CA GLY A 98 16.97 -27.36 -2.78
C GLY A 98 16.09 -26.26 -2.18
N ILE A 99 15.27 -26.52 -1.16
CA ILE A 99 14.38 -25.46 -0.59
C ILE A 99 14.59 -25.43 0.90
N PRO A 100 14.39 -24.27 1.55
CA PRO A 100 14.68 -24.14 2.97
C PRO A 100 13.77 -24.94 3.92
N VAL A 101 12.53 -25.24 3.47
CA VAL A 101 11.51 -25.91 4.33
C VAL A 101 10.93 -27.10 3.58
N ASP A 102 11.67 -28.20 3.58
CA ASP A 102 11.26 -29.46 2.96
C ASP A 102 10.47 -30.31 3.96
N SER A 103 10.86 -30.31 5.24
CA SER A 103 10.11 -31.01 6.33
C SER A 103 10.19 -30.14 7.57
N VAL A 104 9.36 -30.45 8.55
CA VAL A 104 9.21 -29.66 9.78
C VAL A 104 9.01 -30.60 10.95
N VAL A 105 9.64 -30.33 12.09
CA VAL A 105 9.41 -31.01 13.39
C VAL A 105 9.21 -29.93 14.47
N ILE A 106 8.71 -30.32 15.63
CA ILE A 106 8.65 -29.43 16.83
C ILE A 106 10.09 -29.06 17.19
N ASP A 107 10.35 -27.77 17.35
CA ASP A 107 11.70 -27.24 17.69
C ASP A 107 11.92 -27.51 19.18
N ARG A 108 12.76 -28.47 19.52
CA ARG A 108 13.03 -28.83 20.94
C ARG A 108 13.90 -27.77 21.63
N LYS A 109 14.44 -26.78 20.93
CA LYS A 109 15.21 -25.71 21.60
C LYS A 109 14.24 -24.62 22.12
N ILE A 110 12.95 -24.74 21.84
CA ILE A 110 11.94 -23.72 22.26
C ILE A 110 11.58 -24.05 23.70
N ASN A 111 11.63 -23.05 24.58
CA ASN A 111 11.40 -23.22 26.03
C ASN A 111 10.10 -22.52 26.41
N PRO A 112 8.97 -23.25 26.50
CA PRO A 112 7.67 -22.64 26.76
C PRO A 112 7.60 -21.92 28.11
N LEU A 113 8.33 -22.42 29.13
CA LEU A 113 8.34 -21.79 30.49
C LEU A 113 8.87 -20.35 30.37
N GLN A 114 10.04 -20.20 29.75
N GLN A 114 10.05 -20.19 29.75
CA GLN A 114 10.70 -18.89 29.50
CA GLN A 114 10.72 -18.89 29.48
C GLN A 114 9.77 -17.98 28.67
C GLN A 114 9.77 -17.98 28.67
N ILE A 115 9.12 -18.52 27.64
CA ILE A 115 8.18 -17.74 26.79
C ILE A 115 7.05 -17.19 27.67
N LYS A 116 6.52 -18.02 28.55
CA LYS A 116 5.38 -17.70 29.45
C LYS A 116 5.84 -16.63 30.46
N GLN A 117 7.03 -16.78 31.04
CA GLN A 117 7.59 -15.78 31.99
C GLN A 117 7.87 -14.46 31.23
N ASP A 118 8.20 -14.49 29.94
CA ASP A 118 8.51 -13.26 29.15
C ASP A 118 7.22 -12.59 28.66
N GLY A 119 6.03 -13.17 28.92
CA GLY A 119 4.73 -12.56 28.55
C GLY A 119 4.14 -13.07 27.23
N GLY A 120 4.74 -14.10 26.63
CA GLY A 120 4.22 -14.79 25.44
C GLY A 120 2.89 -15.44 25.72
N LYS A 121 2.02 -15.55 24.72
CA LYS A 121 0.63 -16.02 24.95
C LYS A 121 0.32 -17.25 24.14
N ALA A 122 1.14 -17.57 23.12
CA ALA A 122 0.85 -18.66 22.17
C ALA A 122 2.12 -19.18 21.51
N LEU A 123 2.00 -20.37 20.95
CA LEU A 123 2.99 -21.01 20.06
C LEU A 123 2.29 -21.33 18.75
N LYS A 124 3.07 -21.36 17.67
CA LYS A 124 2.58 -21.70 16.31
C LYS A 124 3.42 -22.84 15.74
N LEU A 125 2.76 -23.77 15.05
CA LEU A 125 3.43 -24.91 14.40
C LEU A 125 2.96 -25.02 12.95
N LEU A 126 3.88 -24.86 12.02
CA LEU A 126 3.69 -25.24 10.61
C LEU A 126 3.54 -26.76 10.55
N VAL A 127 2.59 -27.25 9.75
CA VAL A 127 2.45 -28.70 9.40
C VAL A 127 2.46 -28.78 7.87
N LEU A 128 3.51 -29.33 7.30
CA LEU A 128 3.50 -29.61 5.85
C LEU A 128 2.61 -30.82 5.60
N TRP A 129 1.72 -30.69 4.63
CA TRP A 129 0.72 -31.70 4.27
C TRP A 129 1.02 -32.21 2.86
N ARG A 130 1.16 -33.51 2.72
CA ARG A 130 1.38 -34.18 1.43
C ARG A 130 0.46 -35.39 1.39
N SER A 131 -0.18 -35.65 0.26
CA SER A 131 -1.20 -36.70 0.13
C SER A 131 -0.57 -38.05 0.41
N ASP A 132 0.73 -38.25 0.14
CA ASP A 132 1.36 -39.60 0.15
C ASP A 132 2.25 -39.70 1.38
N GLU A 133 2.15 -38.74 2.30
CA GLU A 133 2.79 -38.85 3.63
C GLU A 133 1.70 -39.20 4.66
N ASP A 134 2.10 -39.84 5.74
CA ASP A 134 1.19 -40.48 6.73
C ASP A 134 0.44 -39.40 7.53
N ALA A 135 -0.89 -39.37 7.42
CA ALA A 135 -1.80 -38.53 8.24
C ALA A 135 -1.51 -38.71 9.72
N GLN A 136 -1.29 -39.96 10.16
CA GLN A 136 -1.22 -40.30 11.60
C GLN A 136 0.00 -39.62 12.22
N GLN A 137 1.13 -39.53 11.51
CA GLN A 137 2.33 -38.77 11.96
C GLN A 137 2.03 -37.26 12.10
N ARG A 138 1.26 -36.68 11.18
CA ARG A 138 0.90 -35.24 11.32
C ARG A 138 0.00 -35.10 12.55
N LEU A 139 -1.02 -35.96 12.71
CA LEU A 139 -1.97 -35.86 13.87
C LEU A 139 -1.19 -36.04 15.18
N ASP A 140 -0.24 -36.98 15.21
CA ASP A 140 0.56 -37.26 16.42
C ASP A 140 1.35 -36.01 16.76
N MET A 141 1.94 -35.35 15.76
CA MET A 141 2.78 -34.15 16.03
C MET A 141 1.86 -33.02 16.53
N VAL A 142 0.70 -32.86 15.93
CA VAL A 142 -0.25 -31.80 16.36
C VAL A 142 -0.66 -32.07 17.84
N LYS A 143 -1.03 -33.31 18.16
CA LYS A 143 -1.46 -33.68 19.53
C LYS A 143 -0.32 -33.40 20.52
N GLU A 144 0.92 -33.74 20.20
CA GLU A 144 2.04 -33.45 21.12
C GLU A 144 2.17 -31.93 21.31
N PHE A 145 2.07 -31.16 20.22
CA PHE A 145 2.21 -29.69 20.27
C PHE A 145 1.08 -29.07 21.10
N ASN A 146 -0.16 -29.51 20.91
CA ASN A 146 -1.30 -29.00 21.71
C ASN A 146 -1.00 -29.13 23.22
N GLU A 147 -0.49 -30.31 23.62
CA GLU A 147 -0.20 -30.64 25.04
C GLU A 147 0.96 -29.79 25.54
N LEU A 148 2.02 -29.62 24.75
CA LEU A 148 3.12 -28.66 25.07
C LEU A 148 2.57 -27.25 25.36
N CYS A 149 1.70 -26.70 24.50
CA CYS A 149 1.04 -25.37 24.71
C CYS A 149 0.19 -25.36 25.99
N HIS A 150 -0.77 -26.28 26.05
CA HIS A 150 -1.87 -26.28 27.03
C HIS A 150 -1.31 -26.52 28.43
N SER A 151 -0.27 -27.33 28.56
CA SER A 151 0.39 -27.67 29.85
C SER A 151 1.08 -26.43 30.43
N HIS A 152 1.41 -25.44 29.59
CA HIS A 152 1.99 -24.14 30.02
C HIS A 152 0.96 -23.01 29.97
N GLY A 153 -0.31 -23.27 29.66
CA GLY A 153 -1.33 -22.21 29.58
C GLY A 153 -1.09 -21.28 28.40
N LEU A 154 -0.48 -21.78 27.33
CA LEU A 154 -0.31 -21.04 26.06
C LEU A 154 -1.37 -21.53 25.08
N VAL A 155 -1.75 -20.63 24.18
CA VAL A 155 -2.68 -20.92 23.05
C VAL A 155 -1.89 -21.73 22.03
N SER A 156 -2.55 -22.68 21.37
CA SER A 156 -1.99 -23.60 20.35
C SER A 156 -2.47 -23.16 18.97
N ILE A 157 -1.56 -22.77 18.08
CA ILE A 157 -1.89 -22.35 16.70
C ILE A 157 -1.23 -23.31 15.70
N ILE A 158 -1.99 -23.91 14.79
CA ILE A 158 -1.42 -24.81 13.73
C ILE A 158 -1.60 -24.16 12.36
N GLU A 159 -0.64 -24.42 11.47
CA GLU A 159 -0.57 -23.82 10.13
C GLU A 159 -0.29 -24.92 9.12
N PRO A 160 -1.32 -25.65 8.66
CA PRO A 160 -1.15 -26.66 7.61
C PRO A 160 -0.88 -25.99 6.26
N VAL A 161 0.23 -26.35 5.63
CA VAL A 161 0.62 -25.82 4.30
C VAL A 161 0.76 -27.01 3.34
N VAL A 162 0.06 -26.96 2.20
CA VAL A 162 -0.03 -28.11 1.24
C VAL A 162 1.18 -28.05 0.32
N ARG A 163 1.72 -29.22 0.07
CA ARG A 163 2.84 -29.44 -0.88
C ARG A 163 2.50 -30.59 -1.82
N PRO A 164 3.13 -30.62 -3.00
CA PRO A 164 2.93 -31.74 -3.92
C PRO A 164 3.42 -33.03 -3.26
N PRO A 165 2.96 -34.21 -3.75
CA PRO A 165 3.36 -35.49 -3.19
C PRO A 165 4.85 -35.74 -3.42
N ARG A 166 5.48 -36.60 -2.60
CA ARG A 166 6.91 -36.96 -2.72
C ARG A 166 7.09 -37.72 -4.02
N ARG A 167 6.05 -38.46 -4.43
CA ARG A 167 6.09 -39.33 -5.63
C ARG A 167 4.81 -39.12 -6.43
N GLY A 168 4.92 -38.93 -7.74
CA GLY A 168 3.75 -38.73 -8.62
C GLY A 168 3.54 -37.26 -8.92
N ASP A 169 2.63 -36.96 -9.85
CA ASP A 169 2.39 -35.61 -10.37
C ASP A 169 0.90 -35.27 -10.19
N LYS A 170 0.18 -36.05 -9.40
CA LYS A 170 -1.27 -35.86 -9.14
C LYS A 170 -1.35 -34.90 -7.95
N PHE A 171 -1.58 -33.61 -8.24
CA PHE A 171 -1.62 -32.49 -7.25
C PHE A 171 -2.59 -31.38 -7.71
N ASP A 172 -3.72 -31.30 -7.02
CA ASP A 172 -4.71 -30.22 -7.11
C ASP A 172 -4.57 -29.40 -5.82
N ARG A 173 -4.01 -28.20 -5.88
CA ARG A 173 -3.74 -27.39 -4.67
C ARG A 173 -5.04 -27.15 -3.90
N GLU A 174 -6.12 -26.85 -4.63
CA GLU A 174 -7.41 -26.45 -4.01
C GLU A 174 -7.98 -27.64 -3.25
N GLN A 175 -7.95 -28.84 -3.86
CA GLN A 175 -8.45 -30.08 -3.21
C GLN A 175 -7.56 -30.44 -2.00
N ALA A 176 -6.23 -30.20 -2.10
CA ALA A 176 -5.26 -30.48 -1.00
C ALA A 176 -5.61 -29.62 0.21
N ILE A 177 -5.99 -28.35 0.02
CA ILE A 177 -6.30 -27.44 1.14
C ILE A 177 -7.55 -28.01 1.85
N ILE A 178 -8.54 -28.47 1.09
CA ILE A 178 -9.74 -29.11 1.69
C ILE A 178 -9.35 -30.41 2.40
N ASP A 179 -8.53 -31.26 1.80
CA ASP A 179 -8.15 -32.57 2.39
C ASP A 179 -7.36 -32.33 3.67
N ALA A 180 -6.53 -31.29 3.71
CA ALA A 180 -5.77 -30.97 4.94
C ALA A 180 -6.75 -30.50 6.02
N ALA A 181 -7.72 -29.66 5.65
CA ALA A 181 -8.73 -29.22 6.66
C ALA A 181 -9.56 -30.43 7.14
N LYS A 182 -9.97 -31.34 6.24
CA LYS A 182 -10.72 -32.55 6.68
C LYS A 182 -9.93 -33.32 7.74
N GLU A 183 -8.60 -33.40 7.58
CA GLU A 183 -7.73 -34.19 8.47
C GLU A 183 -7.50 -33.44 9.78
N LEU A 184 -7.13 -32.17 9.69
CA LEU A 184 -6.54 -31.40 10.82
C LEU A 184 -7.52 -30.36 11.39
N GLY A 185 -8.67 -30.14 10.74
CA GLY A 185 -9.63 -29.09 11.13
C GLY A 185 -10.28 -29.28 12.49
N ASP A 186 -10.10 -30.44 13.13
CA ASP A 186 -10.73 -30.76 14.44
C ASP A 186 -9.70 -31.46 15.32
N SER A 187 -8.44 -31.07 15.20
CA SER A 187 -7.28 -31.77 15.81
C SER A 187 -7.00 -31.23 17.20
N GLY A 188 -7.84 -30.35 17.75
CA GLY A 188 -7.75 -29.91 19.16
C GLY A 188 -6.83 -28.71 19.39
N ALA A 189 -6.30 -28.07 18.35
CA ALA A 189 -5.66 -26.74 18.49
C ALA A 189 -6.72 -25.67 18.77
N ASP A 190 -6.31 -24.45 19.13
CA ASP A 190 -7.23 -23.32 19.44
C ASP A 190 -7.48 -22.45 18.20
N LEU A 191 -6.56 -22.44 17.23
CA LEU A 191 -6.65 -21.62 16.00
C LEU A 191 -6.02 -22.36 14.81
N TYR A 192 -6.68 -22.29 13.66
CA TYR A 192 -6.25 -22.89 12.38
C TYR A 192 -5.89 -21.77 11.40
N LYS A 193 -4.65 -21.77 10.88
CA LYS A 193 -4.16 -20.79 9.87
C LYS A 193 -4.13 -21.51 8.52
N VAL A 194 -4.91 -21.06 7.56
CA VAL A 194 -5.07 -21.78 6.27
C VAL A 194 -4.65 -20.88 5.11
N GLU A 195 -4.17 -21.50 4.04
CA GLU A 195 -3.83 -20.81 2.79
C GLU A 195 -5.14 -20.41 2.10
N MET A 196 -5.11 -19.25 1.43
CA MET A 196 -6.32 -18.74 0.76
C MET A 196 -6.59 -19.58 -0.48
N PRO A 197 -7.81 -20.12 -0.68
CA PRO A 197 -8.19 -20.72 -1.97
C PRO A 197 -7.95 -19.78 -3.16
N LEU A 198 -7.43 -20.36 -4.24
CA LEU A 198 -7.25 -19.70 -5.57
C LEU A 198 -6.26 -18.53 -5.49
N TYR A 199 -5.42 -18.50 -4.46
CA TYR A 199 -4.46 -17.40 -4.22
C TYR A 199 -5.19 -16.05 -4.20
N GLY A 200 -6.46 -16.03 -3.78
CA GLY A 200 -7.29 -14.82 -3.74
C GLY A 200 -7.56 -14.21 -5.10
N LYS A 201 -7.45 -14.98 -6.19
CA LYS A 201 -7.62 -14.41 -7.56
C LYS A 201 -9.02 -14.69 -8.09
N GLY A 202 -9.44 -13.89 -9.08
CA GLY A 202 -10.63 -14.19 -9.90
C GLY A 202 -11.90 -13.62 -9.30
N PRO A 203 -13.06 -13.98 -9.88
CA PRO A 203 -14.34 -13.40 -9.47
C PRO A 203 -14.65 -13.69 -8.00
N GLN A 204 -15.23 -12.70 -7.34
CA GLN A 204 -15.52 -12.74 -5.89
C GLN A 204 -16.42 -13.92 -5.56
N GLN A 205 -17.37 -14.27 -6.43
CA GLN A 205 -18.36 -15.35 -6.14
C GLN A 205 -17.66 -16.73 -6.00
N GLU A 206 -16.79 -17.11 -6.96
CA GLU A 206 -15.97 -18.36 -6.93
C GLU A 206 -15.08 -18.37 -5.66
N LEU A 207 -14.50 -17.24 -5.32
CA LEU A 207 -13.66 -17.08 -4.12
C LEU A 207 -14.49 -17.35 -2.85
N LEU A 208 -15.70 -16.80 -2.77
CA LEU A 208 -16.60 -17.04 -1.61
C LEU A 208 -17.02 -18.51 -1.53
N CYS A 209 -17.43 -19.10 -2.64
CA CYS A 209 -17.84 -20.53 -2.67
CA CYS A 209 -17.85 -20.53 -2.70
C CYS A 209 -16.70 -21.43 -2.22
N ALA A 210 -15.47 -21.20 -2.68
CA ALA A 210 -14.28 -21.98 -2.26
C ALA A 210 -14.02 -21.82 -0.77
N SER A 211 -14.16 -20.59 -0.23
CA SER A 211 -13.91 -20.27 1.20
C SER A 211 -15.01 -20.91 2.07
N GLN A 212 -16.25 -20.99 1.58
CA GLN A 212 -17.38 -21.65 2.30
C GLN A 212 -17.15 -23.16 2.42
N ARG A 213 -16.72 -23.82 1.35
CA ARG A 213 -16.38 -25.27 1.36
C ARG A 213 -15.30 -25.48 2.43
N LEU A 214 -14.33 -24.57 2.54
CA LEU A 214 -13.22 -24.71 3.50
C LEU A 214 -13.79 -24.59 4.93
N ASN A 215 -14.62 -23.58 5.18
CA ASN A 215 -15.28 -23.35 6.49
C ASN A 215 -16.00 -24.63 6.96
N ASP A 216 -16.65 -25.35 6.04
CA ASP A 216 -17.36 -26.61 6.36
C ASP A 216 -16.42 -27.67 6.97
N HIS A 217 -15.10 -27.64 6.79
CA HIS A 217 -14.19 -28.72 7.27
C HIS A 217 -13.28 -28.25 8.41
N ILE A 218 -13.50 -27.05 8.95
CA ILE A 218 -12.68 -26.48 10.04
C ILE A 218 -13.62 -26.26 11.22
N ASN A 219 -13.33 -26.91 12.34
CA ASN A 219 -14.20 -26.93 13.53
C ASN A 219 -13.50 -26.18 14.66
N MET A 220 -12.70 -25.17 14.34
CA MET A 220 -12.10 -24.24 15.32
C MET A 220 -12.06 -22.88 14.64
N PRO A 221 -11.77 -21.80 15.38
CA PRO A 221 -11.62 -20.50 14.74
C PRO A 221 -10.50 -20.65 13.71
N TRP A 222 -10.64 -20.00 12.56
CA TRP A 222 -9.56 -19.99 11.54
C TRP A 222 -9.33 -18.58 10.98
N VAL A 223 -8.12 -18.38 10.45
CA VAL A 223 -7.68 -17.13 9.78
C VAL A 223 -7.01 -17.52 8.46
N ILE A 224 -6.93 -16.60 7.50
CA ILE A 224 -6.20 -16.88 6.21
C ILE A 224 -4.76 -16.36 6.34
N LEU A 225 -3.84 -17.10 5.80
CA LEU A 225 -2.46 -16.63 5.57
C LEU A 225 -2.45 -15.72 4.33
N SER A 226 -1.49 -14.79 4.25
CA SER A 226 -1.22 -13.94 3.06
C SER A 226 -0.40 -14.72 2.03
N SER A 227 0.30 -15.79 2.44
CA SER A 227 1.27 -16.57 1.61
CA SER A 227 1.27 -16.57 1.61
C SER A 227 0.67 -16.94 0.24
N GLY A 228 1.31 -16.50 -0.86
CA GLY A 228 0.84 -16.76 -2.23
C GLY A 228 -0.25 -15.80 -2.70
N VAL A 229 -0.75 -14.87 -1.87
CA VAL A 229 -1.76 -13.86 -2.32
C VAL A 229 -1.01 -12.54 -2.59
N ASP A 230 -1.19 -11.95 -3.76
CA ASP A 230 -0.66 -10.60 -4.08
C ASP A 230 -1.12 -9.64 -2.97
N GLU A 231 -0.23 -8.77 -2.47
CA GLU A 231 -0.57 -7.81 -1.40
C GLU A 231 -1.80 -6.99 -1.80
N LYS A 232 -2.04 -6.81 -3.11
CA LYS A 232 -3.18 -5.98 -3.63
C LYS A 232 -4.51 -6.75 -3.54
N LEU A 233 -4.49 -8.08 -3.43
CA LEU A 233 -5.72 -8.93 -3.38
C LEU A 233 -6.03 -9.40 -1.96
N PHE A 234 -5.10 -9.22 -1.04
CA PHE A 234 -5.21 -9.75 0.34
C PHE A 234 -6.39 -9.08 1.04
N PRO A 235 -6.60 -7.75 0.97
CA PRO A 235 -7.72 -7.17 1.69
C PRO A 235 -9.06 -7.79 1.25
N ARG A 236 -9.29 -7.96 -0.05
CA ARG A 236 -10.50 -8.63 -0.56
C ARG A 236 -10.54 -10.08 -0.03
N ALA A 237 -9.44 -10.84 -0.08
CA ALA A 237 -9.39 -12.23 0.45
C ALA A 237 -9.84 -12.25 1.92
N VAL A 238 -9.40 -11.29 2.73
CA VAL A 238 -9.85 -11.24 4.16
C VAL A 238 -11.36 -10.99 4.22
N ARG A 239 -11.90 -10.10 3.40
CA ARG A 239 -13.37 -9.83 3.40
C ARG A 239 -14.13 -11.10 3.02
N VAL A 240 -13.68 -11.78 1.97
CA VAL A 240 -14.34 -13.02 1.46
C VAL A 240 -14.19 -14.14 2.52
N ALA A 241 -12.97 -14.40 3.00
CA ALA A 241 -12.74 -15.48 3.98
C ALA A 241 -13.61 -15.22 5.21
N MET A 242 -13.72 -13.97 5.65
CA MET A 242 -14.50 -13.63 6.85
C MET A 242 -16.00 -13.76 6.58
N THR A 243 -16.45 -13.41 5.37
CA THR A 243 -17.83 -13.68 4.90
C THR A 243 -18.13 -15.18 5.05
N ALA A 244 -17.20 -16.05 4.67
CA ALA A 244 -17.35 -17.52 4.70
C ALA A 244 -17.13 -18.12 6.10
N GLY A 245 -16.72 -17.36 7.13
CA GLY A 245 -16.63 -17.87 8.52
C GLY A 245 -15.27 -17.70 9.18
N ALA A 246 -14.21 -17.25 8.48
CA ALA A 246 -12.90 -16.94 9.10
C ALA A 246 -13.09 -15.79 10.08
N SER A 247 -12.17 -15.67 11.04
CA SER A 247 -12.19 -14.65 12.11
C SER A 247 -11.05 -13.62 11.98
N GLY A 248 -10.29 -13.67 10.89
CA GLY A 248 -9.31 -12.63 10.54
C GLY A 248 -8.16 -13.17 9.71
N PHE A 249 -6.96 -12.66 9.94
CA PHE A 249 -5.81 -12.90 9.04
C PHE A 249 -4.53 -13.02 9.85
N LEU A 250 -3.56 -13.67 9.19
CA LEU A 250 -2.12 -13.63 9.51
C LEU A 250 -1.39 -13.16 8.26
N ALA A 251 -0.76 -12.00 8.35
CA ALA A 251 -0.07 -11.36 7.19
C ALA A 251 1.44 -11.39 7.45
N GLY A 252 2.20 -11.81 6.46
CA GLY A 252 3.67 -11.65 6.45
C GLY A 252 4.13 -10.80 5.29
N ARG A 253 4.51 -11.43 4.18
CA ARG A 253 5.14 -10.74 3.02
C ARG A 253 4.18 -9.68 2.48
N ALA A 254 2.86 -9.93 2.54
CA ALA A 254 1.87 -9.01 1.95
C ALA A 254 1.95 -7.66 2.68
N VAL A 255 2.45 -7.64 3.90
CA VAL A 255 2.60 -6.38 4.70
C VAL A 255 4.01 -5.82 4.52
N TRP A 256 5.07 -6.62 4.64
CA TRP A 256 6.46 -6.07 4.76
C TRP A 256 7.37 -6.42 3.57
N ALA A 257 7.00 -7.29 2.64
CA ALA A 257 7.98 -7.79 1.64
C ALA A 257 8.42 -6.66 0.71
N SER A 258 7.53 -5.73 0.34
CA SER A 258 7.83 -4.80 -0.77
C SER A 258 8.95 -3.82 -0.38
N VAL A 259 9.21 -3.57 0.92
CA VAL A 259 10.26 -2.61 1.36
C VAL A 259 11.60 -3.33 1.62
N VAL A 260 11.71 -4.62 1.34
CA VAL A 260 12.97 -5.38 1.57
C VAL A 260 14.03 -4.77 0.66
N GLY A 261 15.15 -4.29 1.20
CA GLY A 261 16.22 -3.71 0.38
C GLY A 261 16.04 -2.24 0.05
N LEU A 262 14.91 -1.59 0.38
CA LEU A 262 14.81 -0.11 0.21
C LEU A 262 15.60 0.56 1.34
N PRO A 263 16.12 1.79 1.12
CA PRO A 263 16.80 2.54 2.15
C PRO A 263 15.83 3.05 3.23
N ASP A 264 16.37 3.46 4.38
CA ASP A 264 15.59 4.06 5.49
C ASP A 264 14.50 3.06 5.87
N ASN A 265 14.94 1.89 6.34
CA ASN A 265 14.08 0.74 6.71
C ASN A 265 12.98 1.19 7.68
N GLU A 266 13.34 1.92 8.75
CA GLU A 266 12.37 2.29 9.81
C GLU A 266 11.30 3.20 9.19
N LEU A 267 11.69 4.11 8.28
CA LEU A 267 10.76 5.04 7.60
C LEU A 267 9.82 4.28 6.66
N MET A 268 10.35 3.29 5.91
CA MET A 268 9.56 2.49 4.94
C MET A 268 8.54 1.63 5.69
N LEU A 269 8.94 1.02 6.81
CA LEU A 269 7.99 0.21 7.61
C LEU A 269 6.80 1.06 8.09
N ARG A 270 7.06 2.28 8.54
CA ARG A 270 6.06 3.27 9.03
C ARG A 270 5.13 3.74 7.89
N ASP A 271 5.66 4.07 6.71
CA ASP A 271 4.92 4.81 5.65
C ASP A 271 4.31 3.87 4.61
N VAL A 272 4.93 2.71 4.36
CA VAL A 272 4.46 1.75 3.32
C VAL A 272 3.72 0.59 4.01
N CYS A 273 4.35 -0.08 4.99
CA CYS A 273 3.83 -1.35 5.57
C CYS A 273 2.72 -1.06 6.57
N ALA A 274 2.87 -0.07 7.44
CA ALA A 274 1.85 0.21 8.50
C ALA A 274 0.47 0.47 7.89
N PRO A 275 0.31 1.35 6.86
CA PRO A 275 -1.01 1.61 6.30
C PRO A 275 -1.73 0.34 5.82
N LYS A 276 -1.00 -0.62 5.26
CA LYS A 276 -1.59 -1.89 4.78
C LYS A 276 -2.10 -2.71 5.99
N LEU A 277 -1.30 -2.78 7.05
CA LEU A 277 -1.65 -3.60 8.24
C LEU A 277 -2.86 -2.98 8.94
N GLN A 278 -2.92 -1.65 9.03
CA GLN A 278 -4.04 -0.87 9.62
C GLN A 278 -5.32 -1.14 8.82
N GLN A 279 -5.24 -1.12 7.49
CA GLN A 279 -6.45 -1.33 6.65
C GLN A 279 -6.99 -2.75 6.91
N LEU A 280 -6.14 -3.75 7.02
CA LEU A 280 -6.54 -5.17 7.29
C LEU A 280 -7.23 -5.25 8.67
N GLY A 281 -6.71 -4.52 9.66
CA GLY A 281 -7.32 -4.42 10.99
C GLY A 281 -8.71 -3.81 10.92
N ASP A 282 -8.88 -2.73 10.16
CA ASP A 282 -10.19 -2.04 9.97
C ASP A 282 -11.18 -2.98 9.30
N ILE A 283 -10.73 -3.78 8.32
CA ILE A 283 -11.59 -4.78 7.64
C ILE A 283 -12.07 -5.83 8.64
N VAL A 284 -11.19 -6.33 9.49
CA VAL A 284 -11.56 -7.36 10.50
C VAL A 284 -12.64 -6.79 11.44
N ASP A 285 -12.47 -5.55 11.90
CA ASP A 285 -13.43 -4.90 12.83
C ASP A 285 -14.80 -4.77 12.14
N GLU A 286 -14.81 -4.39 10.86
CA GLU A 286 -16.05 -4.21 10.05
C GLU A 286 -16.76 -5.56 9.87
N MET A 287 -16.00 -6.62 9.61
CA MET A 287 -16.61 -7.95 9.34
C MET A 287 -17.14 -8.53 10.66
N MET A 288 -16.46 -8.31 11.78
CA MET A 288 -16.90 -8.83 13.11
C MET A 288 -18.17 -8.07 13.54
N ALA A 289 -18.24 -6.76 13.31
CA ALA A 289 -19.46 -5.94 13.58
C ALA A 289 -20.64 -6.54 12.78
N LYS A 290 -20.46 -6.84 11.48
CA LYS A 290 -21.50 -7.40 10.58
C LYS A 290 -21.87 -8.81 11.07
N ARG A 291 -20.92 -9.57 11.61
CA ARG A 291 -21.19 -10.92 12.17
C ARG A 291 -22.06 -10.84 13.43
N ARG A 292 -21.83 -9.86 14.31
CA ARG A 292 -22.66 -9.64 15.51
C ARG A 292 -24.13 -9.38 15.11
N LEU A 293 -24.38 -8.65 14.02
CA LEU A 293 -25.76 -8.41 13.50
C LEU A 293 -26.35 -9.70 12.92
N GLU A 294 -25.52 -10.54 12.30
CA GLU A 294 -25.92 -11.79 11.64
C GLU A 294 -26.23 -12.83 12.72
N HIS A 295 -25.32 -13.06 13.67
CA HIS A 295 -25.47 -14.03 14.79
C HIS A 295 -26.65 -13.62 15.68
N HIS A 296 -27.06 -12.34 15.64
CA HIS A 296 -28.25 -11.79 16.34
C HIS A 296 -29.54 -12.10 15.53
N HIS A 297 -29.49 -12.23 14.19
CA HIS A 297 -30.65 -12.69 13.38
C HIS A 297 -30.98 -14.16 13.70
N HIS A 298 -30.05 -14.92 14.30
CA HIS A 298 -30.25 -16.28 14.85
C HIS A 298 -30.15 -16.25 16.39
N ASN B 2 -16.86 36.30 -5.74
CA ASN B 2 -16.19 35.17 -4.99
C ASN B 2 -14.78 34.94 -5.58
N LYS B 3 -13.72 35.27 -4.82
CA LYS B 3 -12.31 35.02 -5.21
C LYS B 3 -11.70 33.95 -4.29
N TYR B 4 -11.41 32.76 -4.83
CA TYR B 4 -10.76 31.65 -4.07
C TYR B 4 -9.26 31.93 -3.93
N THR B 5 -8.65 31.41 -2.86
CA THR B 5 -7.18 31.43 -2.62
C THR B 5 -6.72 29.99 -2.44
N ILE B 6 -5.40 29.78 -2.34
CA ILE B 6 -4.82 28.45 -2.04
C ILE B 6 -5.40 27.90 -0.73
N ASN B 7 -5.77 28.75 0.23
CA ASN B 7 -6.37 28.29 1.52
C ASN B 7 -7.67 27.50 1.28
N ASP B 8 -8.31 27.61 0.11
CA ASP B 8 -9.55 26.86 -0.20
C ASP B 8 -9.22 25.48 -0.83
N ILE B 9 -7.95 25.14 -1.05
CA ILE B 9 -7.61 23.80 -1.60
C ILE B 9 -6.63 23.07 -0.67
N THR B 10 -6.44 23.55 0.56
CA THR B 10 -5.51 22.92 1.54
C THR B 10 -6.28 22.10 2.58
N ARG B 11 -5.60 21.22 3.30
CA ARG B 11 -6.15 20.60 4.54
C ARG B 11 -6.29 21.67 5.62
N ALA B 12 -6.89 21.35 6.75
CA ALA B 12 -7.02 22.30 7.88
C ALA B 12 -5.63 22.74 8.38
N SER B 13 -4.58 21.93 8.18
CA SER B 13 -3.17 22.20 8.59
C SER B 13 -2.51 23.28 7.72
N GLY B 14 -3.09 23.62 6.56
CA GLY B 14 -2.48 24.55 5.59
C GLY B 14 -1.62 23.83 4.55
N GLY B 15 -1.49 22.51 4.65
CA GLY B 15 -0.74 21.71 3.66
C GLY B 15 -1.66 21.25 2.53
N PHE B 16 -1.04 20.81 1.44
CA PHE B 16 -1.77 20.33 0.25
C PHE B 16 -1.64 18.81 0.19
N ALA B 17 -2.78 18.16 0.05
CA ALA B 17 -2.90 16.68 -0.09
C ALA B 17 -3.81 16.39 -1.28
N MET B 18 -3.24 16.47 -2.47
CA MET B 18 -4.03 16.57 -3.72
C MET B 18 -3.89 15.31 -4.56
N LEU B 19 -4.98 14.95 -5.24
CA LEU B 19 -5.07 13.72 -6.06
C LEU B 19 -5.29 14.14 -7.50
N ALA B 20 -4.53 13.58 -8.44
CA ALA B 20 -4.69 13.80 -9.89
C ALA B 20 -5.35 12.56 -10.49
N VAL B 21 -6.51 12.71 -11.10
CA VAL B 21 -7.13 11.63 -11.92
C VAL B 21 -7.42 12.17 -13.32
N ASP B 22 -6.67 13.17 -13.78
CA ASP B 22 -7.01 13.88 -15.04
C ASP B 22 -6.19 13.32 -16.20
N GLN B 23 -5.60 12.13 -16.06
CA GLN B 23 -4.75 11.53 -17.11
C GLN B 23 -5.66 11.11 -18.27
N ARG B 24 -5.16 11.23 -19.51
CA ARG B 24 -5.98 11.05 -20.74
C ARG B 24 -5.43 9.87 -21.55
N GLU B 25 -4.87 10.04 -22.74
CA GLU B 25 -4.43 8.88 -23.55
C GLU B 25 -3.37 8.07 -22.78
N ALA B 26 -2.60 8.70 -21.88
CA ALA B 26 -1.58 7.94 -21.10
C ALA B 26 -2.30 6.88 -20.25
N MET B 27 -3.47 7.23 -19.71
CA MET B 27 -4.28 6.32 -18.87
C MET B 27 -4.89 5.22 -19.78
N ARG B 28 -5.38 5.54 -20.97
CA ARG B 28 -5.83 4.48 -21.92
C ARG B 28 -4.69 3.47 -22.16
N MET B 29 -3.47 3.94 -22.39
CA MET B 29 -2.30 3.07 -22.67
C MET B 29 -1.98 2.20 -21.45
N MET B 30 -2.16 2.71 -20.20
CA MET B 30 -1.97 1.89 -18.97
C MET B 30 -2.99 0.74 -18.94
N PHE B 31 -4.26 1.02 -19.21
CA PHE B 31 -5.31 -0.03 -19.25
C PHE B 31 -4.95 -1.13 -20.27
N ALA B 32 -4.49 -0.77 -21.47
CA ALA B 32 -4.12 -1.74 -22.52
C ALA B 32 -2.91 -2.59 -22.07
N ALA B 33 -1.91 -1.97 -21.44
CA ALA B 33 -0.67 -2.66 -21.01
C ALA B 33 -0.93 -3.58 -19.81
N ALA B 34 -2.05 -3.38 -19.08
CA ALA B 34 -2.49 -4.22 -17.95
C ALA B 34 -3.47 -5.30 -18.44
N GLY B 35 -3.68 -5.39 -19.75
CA GLY B 35 -4.35 -6.54 -20.39
C GLY B 35 -5.82 -6.30 -20.68
N ALA B 36 -6.35 -5.10 -20.45
CA ALA B 36 -7.75 -4.77 -20.82
C ALA B 36 -7.94 -5.03 -22.31
N PRO B 37 -9.13 -5.50 -22.75
CA PRO B 37 -9.34 -5.82 -24.17
C PRO B 37 -9.29 -4.54 -25.05
N ALA B 38 -8.45 -4.56 -26.09
CA ALA B 38 -8.16 -3.41 -27.00
C ALA B 38 -9.05 -3.46 -28.24
N PRO B 39 -9.52 -2.30 -28.78
CA PRO B 39 -9.15 -0.99 -28.25
C PRO B 39 -9.97 -0.70 -26.97
N VAL B 40 -9.36 0.02 -26.01
CA VAL B 40 -9.98 0.36 -24.70
C VAL B 40 -10.97 1.52 -24.90
N ALA B 41 -12.24 1.30 -24.57
CA ALA B 41 -13.33 2.30 -24.71
C ALA B 41 -13.11 3.46 -23.74
N ASP B 42 -13.55 4.66 -24.14
CA ASP B 42 -13.48 5.87 -23.29
C ASP B 42 -14.15 5.59 -21.94
N SER B 43 -15.21 4.77 -21.94
CA SER B 43 -16.09 4.54 -20.75
C SER B 43 -15.29 3.79 -19.66
N VAL B 44 -14.30 2.98 -20.04
CA VAL B 44 -13.38 2.31 -19.07
C VAL B 44 -12.66 3.40 -18.25
N LEU B 45 -12.16 4.47 -18.88
CA LEU B 45 -11.47 5.60 -18.17
C LEU B 45 -12.48 6.37 -17.30
N THR B 46 -13.61 6.78 -17.89
CA THR B 46 -14.68 7.52 -17.17
C THR B 46 -15.06 6.76 -15.90
N ASP B 47 -15.29 5.44 -15.99
CA ASP B 47 -15.76 4.62 -14.85
C ASP B 47 -14.66 4.57 -13.79
N PHE B 48 -13.40 4.37 -14.19
CA PHE B 48 -12.25 4.40 -13.23
C PHE B 48 -12.19 5.77 -12.56
N LYS B 49 -12.26 6.86 -13.33
CA LYS B 49 -12.07 8.25 -12.81
C LYS B 49 -13.19 8.58 -11.80
N VAL B 50 -14.43 8.22 -12.09
CA VAL B 50 -15.58 8.51 -11.18
C VAL B 50 -15.44 7.68 -9.89
N ASN B 51 -15.14 6.40 -10.04
CA ASN B 51 -14.90 5.44 -8.92
C ASN B 51 -13.77 5.96 -8.02
N ALA B 52 -12.67 6.44 -8.63
CA ALA B 52 -11.52 6.98 -7.88
C ALA B 52 -11.97 8.25 -7.15
N ALA B 53 -12.75 9.14 -7.79
CA ALA B 53 -13.23 10.37 -7.11
C ALA B 53 -14.12 9.99 -5.93
N LYS B 54 -15.04 9.04 -6.10
CA LYS B 54 -15.97 8.61 -5.03
C LYS B 54 -15.17 8.01 -3.88
N ALA B 55 -14.19 7.13 -4.18
CA ALA B 55 -13.45 6.38 -3.14
C ALA B 55 -12.44 7.29 -2.44
N LEU B 56 -11.79 8.20 -3.17
CA LEU B 56 -10.52 8.83 -2.70
C LEU B 56 -10.69 10.31 -2.34
N SER B 57 -11.70 11.02 -2.87
CA SER B 57 -11.90 12.47 -2.57
C SER B 57 -12.11 12.67 -1.07
N PRO B 58 -12.67 11.71 -0.28
CA PRO B 58 -12.78 11.94 1.17
C PRO B 58 -11.42 12.07 1.83
N TYR B 59 -10.32 11.67 1.18
CA TYR B 59 -8.99 11.75 1.85
C TYR B 59 -8.12 12.81 1.18
N ALA B 60 -8.65 13.63 0.28
CA ALA B 60 -7.84 14.61 -0.49
C ALA B 60 -8.32 16.02 -0.18
N SER B 61 -7.43 17.01 -0.09
CA SER B 61 -7.83 18.44 0.09
C SER B 61 -8.26 19.00 -1.27
N ALA B 62 -7.82 18.40 -2.38
CA ALA B 62 -8.30 18.73 -3.73
C ALA B 62 -8.09 17.52 -4.66
N ILE B 63 -8.96 17.40 -5.68
CA ILE B 63 -8.89 16.40 -6.79
C ILE B 63 -8.86 17.13 -8.13
N LEU B 64 -7.95 16.73 -9.01
CA LEU B 64 -7.71 17.28 -10.36
C LEU B 64 -8.40 16.37 -11.38
N VAL B 65 -9.38 16.90 -12.11
CA VAL B 65 -10.17 16.15 -13.14
C VAL B 65 -10.07 16.83 -14.51
N ASP B 66 -10.43 16.08 -15.54
CA ASP B 66 -10.37 16.49 -16.97
C ASP B 66 -11.76 16.54 -17.59
N GLN B 67 -12.00 17.53 -18.44
CA GLN B 67 -13.20 17.60 -19.29
C GLN B 67 -13.31 16.35 -20.16
N GLN B 68 -12.22 15.82 -20.71
CA GLN B 68 -12.33 14.85 -21.82
C GLN B 68 -13.05 13.61 -21.30
N PHE B 69 -12.79 13.15 -20.09
CA PHE B 69 -13.27 11.81 -19.67
C PHE B 69 -14.17 11.80 -18.45
N CYS B 70 -14.19 12.82 -17.59
CA CYS B 70 -14.92 12.65 -16.31
C CYS B 70 -15.50 13.95 -15.72
N TYR B 71 -15.22 15.15 -16.24
CA TYR B 71 -15.73 16.38 -15.56
C TYR B 71 -17.25 16.29 -15.37
N ARG B 72 -18.01 16.10 -16.45
CA ARG B 72 -19.50 16.09 -16.42
C ARG B 72 -20.00 15.06 -15.40
N GLN B 73 -19.44 13.85 -15.42
CA GLN B 73 -19.88 12.72 -14.55
C GLN B 73 -19.59 13.02 -13.07
N VAL B 74 -18.40 13.55 -12.72
CA VAL B 74 -18.06 13.70 -11.28
C VAL B 74 -18.95 14.80 -10.73
N VAL B 75 -19.28 15.80 -11.55
CA VAL B 75 -20.12 16.97 -11.14
C VAL B 75 -21.58 16.53 -11.01
N GLU B 76 -22.12 15.82 -11.98
CA GLU B 76 -23.55 15.39 -12.00
C GLU B 76 -23.80 14.29 -10.96
N GLN B 77 -22.86 13.37 -10.72
CA GLN B 77 -23.08 12.27 -9.74
C GLN B 77 -22.63 12.69 -8.34
N ASN B 78 -22.22 13.95 -8.14
CA ASN B 78 -21.70 14.45 -6.84
C ASN B 78 -20.61 13.51 -6.33
N ALA B 79 -19.70 13.08 -7.19
CA ALA B 79 -18.65 12.10 -6.82
C ALA B 79 -17.65 12.72 -5.82
N ILE B 80 -17.54 14.05 -5.73
CA ILE B 80 -16.43 14.72 -4.99
C ILE B 80 -16.95 15.13 -3.61
N ALA B 81 -16.34 14.62 -2.55
CA ALA B 81 -16.66 14.96 -1.15
C ALA B 81 -16.61 16.48 -0.95
N LYS B 82 -17.51 17.01 -0.13
CA LYS B 82 -17.68 18.46 0.17
C LYS B 82 -16.38 18.99 0.80
N SER B 83 -15.61 18.13 1.44
CA SER B 83 -14.33 18.52 2.09
C SER B 83 -13.19 18.59 1.05
N CYS B 84 -13.43 18.19 -0.20
CA CYS B 84 -12.41 18.14 -1.29
C CYS B 84 -12.77 19.21 -2.34
N ALA B 85 -11.83 20.10 -2.67
CA ALA B 85 -11.93 21.12 -3.73
C ALA B 85 -11.77 20.47 -5.11
N MET B 86 -12.53 20.92 -6.09
CA MET B 86 -12.40 20.44 -7.46
C MET B 86 -11.47 21.38 -8.20
N ILE B 87 -10.42 20.84 -8.81
CA ILE B 87 -9.44 21.52 -9.70
C ILE B 87 -9.70 20.93 -11.09
N VAL B 88 -9.79 21.79 -12.10
CA VAL B 88 -10.04 21.32 -13.48
C VAL B 88 -8.80 21.58 -14.33
N ALA B 89 -8.35 20.58 -15.09
CA ALA B 89 -7.25 20.72 -16.06
C ALA B 89 -7.67 21.70 -17.14
N ALA B 90 -6.78 22.61 -17.53
CA ALA B 90 -7.05 23.63 -18.56
C ALA B 90 -6.09 23.43 -19.74
N ASP B 91 -5.44 22.25 -19.83
CA ASP B 91 -4.35 21.95 -20.78
C ASP B 91 -4.91 21.07 -21.90
N GLU B 92 -4.54 21.37 -23.13
CA GLU B 92 -4.83 20.48 -24.28
C GLU B 92 -3.52 19.78 -24.67
N PHE B 93 -3.49 18.45 -24.53
CA PHE B 93 -2.30 17.63 -24.83
C PHE B 93 -2.29 17.36 -26.34
N ILE B 94 -1.18 17.62 -27.01
CA ILE B 94 -0.98 17.37 -28.47
C ILE B 94 0.00 16.22 -28.62
N PRO B 95 -0.41 15.10 -29.23
CA PRO B 95 0.46 13.95 -29.40
C PRO B 95 1.47 14.27 -30.50
N GLY B 96 2.52 13.47 -30.58
CA GLY B 96 3.57 13.63 -31.60
C GLY B 96 4.76 12.77 -31.25
N ASN B 97 5.58 12.42 -32.24
CA ASN B 97 6.81 11.62 -32.04
C ASN B 97 6.49 10.36 -31.24
N GLY B 98 5.30 9.80 -31.47
CA GLY B 98 4.90 8.49 -30.91
C GLY B 98 4.51 8.56 -29.43
N ILE B 99 4.28 9.73 -28.85
CA ILE B 99 3.85 9.82 -27.42
C ILE B 99 2.61 10.69 -27.35
N PRO B 100 1.75 10.47 -26.33
CA PRO B 100 0.48 11.20 -26.25
C PRO B 100 0.59 12.70 -25.95
N VAL B 101 1.70 13.12 -25.30
CA VAL B 101 1.87 14.52 -24.84
C VAL B 101 3.25 15.00 -25.29
N ASP B 102 3.33 15.40 -26.56
CA ASP B 102 4.54 15.95 -27.18
C ASP B 102 4.56 17.48 -26.99
N SER B 103 3.41 18.15 -27.06
CA SER B 103 3.30 19.60 -26.79
C SER B 103 1.97 19.86 -26.08
N VAL B 104 1.83 21.04 -25.53
CA VAL B 104 0.65 21.42 -24.71
C VAL B 104 0.29 22.88 -25.01
N VAL B 105 -1.00 23.17 -25.12
CA VAL B 105 -1.56 24.55 -25.22
C VAL B 105 -2.72 24.65 -24.22
N ILE B 106 -3.14 25.88 -23.92
CA ILE B 106 -4.36 26.15 -23.11
C ILE B 106 -5.53 25.54 -23.87
N ASP B 107 -6.33 24.73 -23.21
CA ASP B 107 -7.50 24.06 -23.81
C ASP B 107 -8.61 25.12 -23.94
N ARG B 108 -8.88 25.58 -25.15
CA ARG B 108 -9.91 26.62 -25.41
C ARG B 108 -11.33 26.05 -25.24
N LYS B 109 -11.53 24.75 -25.09
CA LYS B 109 -12.89 24.21 -24.81
C LYS B 109 -13.21 24.28 -23.32
N ILE B 110 -12.27 24.72 -22.46
CA ILE B 110 -12.49 24.75 -20.99
C ILE B 110 -13.24 26.06 -20.71
N ASN B 111 -14.32 25.98 -19.95
CA ASN B 111 -15.22 27.13 -19.68
C ASN B 111 -15.13 27.48 -18.20
N PRO B 112 -14.29 28.47 -17.82
CA PRO B 112 -14.06 28.79 -16.41
C PRO B 112 -15.33 29.26 -15.68
N LEU B 113 -16.24 29.94 -16.39
CA LEU B 113 -17.53 30.43 -15.78
C LEU B 113 -18.33 29.22 -15.28
N GLN B 114 -18.56 28.23 -16.14
CA GLN B 114 -19.27 26.96 -15.84
C GLN B 114 -18.56 26.24 -14.67
N ILE B 115 -17.23 26.17 -14.71
CA ILE B 115 -16.44 25.52 -13.61
C ILE B 115 -16.73 26.25 -12.28
N LYS B 116 -16.76 27.57 -12.30
CA LYS B 116 -16.97 28.42 -11.10
C LYS B 116 -18.41 28.22 -10.60
N GLN B 117 -19.39 28.21 -11.50
CA GLN B 117 -20.81 27.94 -11.13
C GLN B 117 -20.96 26.52 -10.56
N ASP B 118 -20.16 25.54 -11.02
CA ASP B 118 -20.24 24.14 -10.56
C ASP B 118 -19.50 23.93 -9.24
N GLY B 119 -18.84 24.94 -8.68
CA GLY B 119 -18.12 24.86 -7.39
C GLY B 119 -16.62 24.57 -7.51
N GLY B 120 -16.07 24.60 -8.72
CA GLY B 120 -14.62 24.48 -8.97
C GLY B 120 -13.86 25.63 -8.36
N LYS B 121 -12.62 25.42 -7.93
CA LYS B 121 -11.87 26.46 -7.18
C LYS B 121 -10.54 26.81 -7.87
N ALA B 122 -10.09 25.98 -8.81
CA ALA B 122 -8.77 26.17 -9.45
C ALA B 122 -8.72 25.53 -10.83
N LEU B 123 -7.73 25.97 -11.60
CA LEU B 123 -7.34 25.36 -12.90
C LEU B 123 -5.87 24.99 -12.81
N LYS B 124 -5.47 23.97 -13.57
CA LYS B 124 -4.07 23.49 -13.64
C LYS B 124 -3.62 23.48 -15.09
N LEU B 125 -2.37 23.88 -15.32
CA LEU B 125 -1.75 23.88 -16.66
C LEU B 125 -0.38 23.20 -16.59
N LEU B 126 -0.24 22.08 -17.29
CA LEU B 126 1.07 21.50 -17.63
C LEU B 126 1.84 22.48 -18.51
N VAL B 127 3.13 22.66 -18.26
CA VAL B 127 4.06 23.40 -19.16
C VAL B 127 5.24 22.47 -19.45
N LEU B 128 5.32 21.97 -20.67
CA LEU B 128 6.53 21.20 -21.08
C LEU B 128 7.69 22.16 -21.27
N TRP B 129 8.81 21.84 -20.66
CA TRP B 129 10.01 22.69 -20.64
C TRP B 129 11.11 21.96 -21.42
N ARG B 130 11.68 22.63 -22.40
CA ARG B 130 12.83 22.11 -23.17
C ARG B 130 13.85 23.24 -23.30
N SER B 131 15.14 22.92 -23.14
CA SER B 131 16.24 23.92 -23.09
C SER B 131 16.27 24.72 -24.40
N ASP B 132 15.89 24.12 -25.55
CA ASP B 132 16.11 24.70 -26.89
C ASP B 132 14.77 25.18 -27.43
N GLU B 133 13.74 25.23 -26.59
CA GLU B 133 12.45 25.88 -26.94
C GLU B 133 12.40 27.23 -26.22
N ASP B 134 11.64 28.16 -26.76
CA ASP B 134 11.66 29.60 -26.36
C ASP B 134 11.03 29.79 -24.98
N ALA B 135 11.81 30.25 -24.00
CA ALA B 135 11.34 30.64 -22.64
C ALA B 135 10.17 31.61 -22.73
N GLN B 136 10.26 32.59 -23.64
CA GLN B 136 9.28 33.71 -23.69
C GLN B 136 7.90 33.15 -24.03
N GLN B 137 7.79 32.18 -24.93
CA GLN B 137 6.50 31.49 -25.25
C GLN B 137 5.93 30.76 -24.03
N ARG B 138 6.77 30.11 -23.22
CA ARG B 138 6.25 29.44 -22.01
C ARG B 138 5.74 30.53 -21.04
N LEU B 139 6.52 31.59 -20.82
CA LEU B 139 6.11 32.69 -19.89
C LEU B 139 4.80 33.33 -20.36
N ASP B 140 4.67 33.55 -21.67
CA ASP B 140 3.49 34.19 -22.26
C ASP B 140 2.28 33.29 -21.98
N MET B 141 2.44 31.98 -22.13
CA MET B 141 1.29 31.03 -21.95
C MET B 141 0.93 31.04 -20.46
N VAL B 142 1.92 31.02 -19.58
CA VAL B 142 1.64 31.05 -18.12
C VAL B 142 0.87 32.36 -17.79
N LYS B 143 1.33 33.51 -18.27
CA LYS B 143 0.70 34.82 -17.98
C LYS B 143 -0.74 34.83 -18.50
N GLU B 144 -1.00 34.31 -19.71
CA GLU B 144 -2.41 34.25 -20.20
C GLU B 144 -3.25 33.37 -19.26
N PHE B 145 -2.71 32.22 -18.86
CA PHE B 145 -3.42 31.27 -17.97
C PHE B 145 -3.70 31.91 -16.60
N ASN B 146 -2.72 32.58 -16.01
CA ASN B 146 -2.93 33.26 -14.70
C ASN B 146 -4.15 34.22 -14.76
N GLU B 147 -4.22 35.01 -15.84
CA GLU B 147 -5.27 36.04 -16.05
C GLU B 147 -6.62 35.35 -16.28
N LEU B 148 -6.66 34.26 -17.06
CA LEU B 148 -7.86 33.41 -17.22
C LEU B 148 -8.39 32.94 -15.85
N CYS B 149 -7.53 32.40 -14.98
CA CYS B 149 -7.91 31.98 -13.59
C CYS B 149 -8.42 33.17 -12.76
N HIS B 150 -7.58 34.19 -12.65
CA HIS B 150 -7.75 35.30 -11.68
C HIS B 150 -9.00 36.10 -12.03
N SER B 151 -9.29 36.26 -13.33
N SER B 151 -9.30 36.27 -13.32
CA SER B 151 -10.46 37.04 -13.83
CA SER B 151 -10.47 37.06 -13.79
C SER B 151 -11.76 36.34 -13.45
C SER B 151 -11.78 36.33 -13.44
N HIS B 152 -11.72 35.03 -13.16
CA HIS B 152 -12.88 34.24 -12.68
C HIS B 152 -12.79 33.95 -11.18
N GLY B 153 -11.80 34.46 -10.46
CA GLY B 153 -11.63 34.17 -9.02
C GLY B 153 -11.26 32.72 -8.76
N LEU B 154 -10.57 32.08 -9.71
CA LEU B 154 -10.03 30.71 -9.56
C LEU B 154 -8.54 30.84 -9.23
N VAL B 155 -8.04 29.84 -8.51
CA VAL B 155 -6.61 29.66 -8.18
C VAL B 155 -5.92 29.15 -9.45
N SER B 156 -4.70 29.58 -9.68
CA SER B 156 -3.86 29.25 -10.87
C SER B 156 -2.76 28.28 -10.44
N ILE B 157 -2.76 27.06 -10.99
CA ILE B 157 -1.73 26.03 -10.68
C ILE B 157 -0.96 25.68 -11.95
N ILE B 158 0.38 25.78 -11.94
CA ILE B 158 1.23 25.40 -13.10
C ILE B 158 2.06 24.18 -12.75
N GLU B 159 2.32 23.35 -13.76
CA GLU B 159 3.04 22.07 -13.61
C GLU B 159 4.11 21.98 -14.69
N PRO B 160 5.30 22.56 -14.47
CA PRO B 160 6.42 22.42 -15.41
C PRO B 160 6.99 21.01 -15.39
N VAL B 161 7.07 20.39 -16.56
CA VAL B 161 7.61 19.02 -16.73
C VAL B 161 8.75 19.10 -17.75
N VAL B 162 9.94 18.60 -17.38
CA VAL B 162 11.18 18.73 -18.19
C VAL B 162 11.20 17.60 -19.20
N ARG B 163 11.58 17.97 -20.42
CA ARG B 163 11.78 17.02 -21.52
C ARG B 163 13.14 17.25 -22.18
N PRO B 164 13.69 16.22 -22.85
CA PRO B 164 14.94 16.40 -23.58
C PRO B 164 14.75 17.44 -24.69
N PRO B 165 15.85 18.06 -25.17
CA PRO B 165 15.76 19.07 -26.21
C PRO B 165 15.26 18.46 -27.53
N ARG B 166 14.67 19.27 -28.42
CA ARG B 166 14.19 18.83 -29.75
C ARG B 166 15.39 18.38 -30.56
N ARG B 167 16.56 19.01 -30.32
CA ARG B 167 17.80 18.73 -31.08
C ARG B 167 18.97 18.63 -30.10
N GLY B 168 19.83 17.64 -30.26
CA GLY B 168 20.98 17.43 -29.36
C GLY B 168 20.68 16.32 -28.38
N ASP B 169 21.70 15.86 -27.67
CA ASP B 169 21.61 14.78 -26.66
C ASP B 169 22.12 15.33 -25.32
N LYS B 170 22.24 16.65 -25.20
CA LYS B 170 22.74 17.34 -23.98
C LYS B 170 21.49 17.56 -23.10
N PHE B 171 21.29 16.65 -22.12
CA PHE B 171 20.11 16.63 -21.20
C PHE B 171 20.50 16.05 -19.84
N ASP B 172 20.56 16.91 -18.84
CA ASP B 172 20.68 16.58 -17.39
C ASP B 172 19.32 16.86 -16.77
N ARG B 173 18.55 15.83 -16.41
CA ARG B 173 17.16 15.98 -15.88
C ARG B 173 17.18 16.87 -14.64
N GLU B 174 18.16 16.66 -13.78
CA GLU B 174 18.22 17.33 -12.45
C GLU B 174 18.47 18.82 -12.69
N GLN B 175 19.41 19.17 -13.57
CA GLN B 175 19.69 20.59 -13.91
C GLN B 175 18.48 21.23 -14.61
N ALA B 176 17.78 20.48 -15.48
CA ALA B 176 16.56 20.96 -16.20
C ALA B 176 15.47 21.35 -15.20
N ILE B 177 15.29 20.57 -14.13
CA ILE B 177 14.24 20.87 -13.11
C ILE B 177 14.60 22.21 -12.46
N ILE B 178 15.89 22.40 -12.15
CA ILE B 178 16.36 23.70 -11.55
C ILE B 178 16.15 24.83 -12.55
N ASP B 179 16.51 24.64 -13.83
CA ASP B 179 16.45 25.71 -14.86
C ASP B 179 14.98 26.06 -15.11
N ALA B 180 14.07 25.09 -15.08
CA ALA B 180 12.63 25.37 -15.24
C ALA B 180 12.15 26.17 -14.03
N ALA B 181 12.58 25.82 -12.81
CA ALA B 181 12.18 26.62 -11.62
C ALA B 181 12.75 28.04 -11.74
N LYS B 182 14.02 28.21 -12.15
CA LYS B 182 14.59 29.59 -12.32
C LYS B 182 13.72 30.42 -13.26
N GLU B 183 13.19 29.80 -14.32
CA GLU B 183 12.40 30.50 -15.35
C GLU B 183 10.98 30.78 -14.84
N LEU B 184 10.32 29.77 -14.28
CA LEU B 184 8.85 29.78 -14.06
C LEU B 184 8.50 29.93 -12.57
N GLY B 185 9.50 29.84 -11.67
CA GLY B 185 9.27 29.84 -10.21
C GLY B 185 8.72 31.15 -9.64
N ASP B 186 8.64 32.21 -10.47
CA ASP B 186 8.15 33.54 -10.00
C ASP B 186 7.22 34.14 -11.07
N SER B 187 6.47 33.29 -11.76
CA SER B 187 5.72 33.63 -12.97
C SER B 187 4.30 34.08 -12.61
N GLY B 188 3.96 34.26 -11.33
CA GLY B 188 2.66 34.87 -10.92
C GLY B 188 1.51 33.87 -10.77
N ALA B 189 1.76 32.57 -10.91
CA ALA B 189 0.77 31.53 -10.51
C ALA B 189 0.70 31.47 -8.98
N ASP B 190 -0.30 30.79 -8.42
CA ASP B 190 -0.53 30.68 -6.96
C ASP B 190 0.14 29.42 -6.37
N LEU B 191 0.33 28.39 -7.19
CA LEU B 191 0.96 27.11 -6.77
C LEU B 191 1.83 26.53 -7.90
N TYR B 192 3.01 26.02 -7.53
CA TYR B 192 3.98 25.37 -8.44
C TYR B 192 4.03 23.87 -8.13
N LYS B 193 3.78 23.02 -9.13
CA LYS B 193 3.84 21.54 -9.01
C LYS B 193 5.12 21.09 -9.71
N VAL B 194 6.05 20.50 -8.99
CA VAL B 194 7.38 20.17 -9.56
C VAL B 194 7.65 18.67 -9.44
N GLU B 195 8.44 18.17 -10.36
CA GLU B 195 8.94 16.79 -10.37
C GLU B 195 9.96 16.63 -9.24
N MET B 196 9.97 15.45 -8.62
CA MET B 196 10.87 15.17 -7.49
C MET B 196 12.29 14.98 -8.02
N PRO B 197 13.31 15.70 -7.51
CA PRO B 197 14.70 15.38 -7.83
C PRO B 197 15.07 13.92 -7.56
N LEU B 198 15.84 13.35 -8.49
CA LEU B 198 16.45 11.99 -8.38
C LEU B 198 15.37 10.91 -8.33
N TYR B 199 14.14 11.20 -8.76
CA TYR B 199 12.99 10.27 -8.72
C TYR B 199 12.80 9.74 -7.28
N GLY B 200 13.17 10.52 -6.28
CA GLY B 200 13.07 10.15 -4.85
C GLY B 200 13.95 8.99 -4.47
N LYS B 201 15.01 8.70 -5.23
CA LYS B 201 15.89 7.54 -4.94
C LYS B 201 17.13 7.97 -4.15
N GLY B 202 17.75 7.01 -3.50
CA GLY B 202 19.10 7.15 -2.95
C GLY B 202 19.10 7.67 -1.52
N PRO B 203 20.30 7.99 -0.99
CA PRO B 203 20.43 8.45 0.39
C PRO B 203 19.62 9.72 0.66
N GLN B 204 19.02 9.76 1.85
CA GLN B 204 18.08 10.85 2.23
C GLN B 204 18.78 12.21 2.18
N GLN B 205 20.07 12.26 2.53
CA GLN B 205 20.83 13.55 2.60
C GLN B 205 20.94 14.21 1.21
N GLU B 206 21.36 13.45 0.17
CA GLU B 206 21.47 13.92 -1.24
C GLU B 206 20.08 14.40 -1.73
N LEU B 207 19.03 13.66 -1.39
CA LEU B 207 17.63 14.01 -1.76
C LEU B 207 17.24 15.35 -1.12
N LEU B 208 17.57 15.57 0.15
CA LEU B 208 17.26 16.85 0.84
C LEU B 208 18.04 18.00 0.22
N CYS B 209 19.34 17.81 -0.02
CA CYS B 209 20.19 18.87 -0.63
CA CYS B 209 20.23 18.82 -0.65
C CYS B 209 19.62 19.27 -2.00
N ALA B 210 19.25 18.31 -2.84
CA ALA B 210 18.63 18.59 -4.16
C ALA B 210 17.33 19.37 -4.00
N SER B 211 16.49 19.00 -3.01
CA SER B 211 15.17 19.63 -2.77
C SER B 211 15.35 21.06 -2.24
N GLN B 212 16.38 21.31 -1.43
CA GLN B 212 16.70 22.68 -0.91
C GLN B 212 17.15 23.60 -2.07
N ARG B 213 17.99 23.12 -3.00
CA ARG B 213 18.41 23.88 -4.19
C ARG B 213 17.17 24.26 -4.99
N LEU B 214 16.20 23.36 -5.10
CA LEU B 214 14.96 23.62 -5.85
C LEU B 214 14.16 24.71 -5.13
N ASN B 215 13.99 24.59 -3.81
CA ASN B 215 13.26 25.58 -2.98
C ASN B 215 13.83 26.99 -3.20
N ASP B 216 15.15 27.12 -3.32
CA ASP B 216 15.82 28.42 -3.60
C ASP B 216 15.31 29.09 -4.89
N HIS B 217 14.75 28.38 -5.87
CA HIS B 217 14.38 28.97 -7.20
C HIS B 217 12.86 29.03 -7.39
N ILE B 218 12.07 28.73 -6.35
CA ILE B 218 10.58 28.76 -6.42
C ILE B 218 10.13 29.79 -5.38
N ASN B 219 9.42 30.82 -5.84
CA ASN B 219 9.01 31.98 -5.04
C ASN B 219 7.48 31.99 -4.93
N MET B 220 6.89 30.82 -4.84
CA MET B 220 5.44 30.62 -4.54
C MET B 220 5.35 29.32 -3.77
N PRO B 221 4.19 29.00 -3.14
CA PRO B 221 4.04 27.70 -2.52
C PRO B 221 4.26 26.65 -3.61
N TRP B 222 4.88 25.53 -3.25
CA TRP B 222 5.07 24.41 -4.20
C TRP B 222 4.76 23.05 -3.55
N VAL B 223 4.44 22.08 -4.40
CA VAL B 223 4.16 20.66 -4.05
C VAL B 223 4.97 19.76 -5.00
N ILE B 224 5.26 18.52 -4.59
CA ILE B 224 5.94 17.54 -5.50
C ILE B 224 4.88 16.69 -6.20
N LEU B 225 5.11 16.40 -7.46
CA LEU B 225 4.35 15.39 -8.21
C LEU B 225 4.88 14.00 -7.81
N SER B 226 4.05 12.96 -7.95
CA SER B 226 4.44 11.54 -7.76
C SER B 226 5.11 10.99 -9.03
N SER B 227 4.91 11.64 -10.18
CA SER B 227 5.34 11.19 -11.54
CA SER B 227 5.32 11.16 -11.52
C SER B 227 6.82 10.75 -11.56
N GLY B 228 7.08 9.49 -11.90
CA GLY B 228 8.44 8.90 -11.94
C GLY B 228 8.98 8.48 -10.58
N VAL B 229 8.27 8.68 -9.46
CA VAL B 229 8.70 8.18 -8.12
C VAL B 229 7.94 6.87 -7.85
N ASP B 230 8.63 5.79 -7.51
CA ASP B 230 8.01 4.50 -7.10
C ASP B 230 7.05 4.81 -5.96
N GLU B 231 5.86 4.22 -5.97
CA GLU B 231 4.84 4.47 -4.92
C GLU B 231 5.41 4.21 -3.53
N LYS B 232 6.42 3.36 -3.41
CA LYS B 232 7.05 2.99 -2.10
C LYS B 232 8.02 4.09 -1.62
N LEU B 233 8.51 4.96 -2.52
CA LEU B 233 9.47 6.04 -2.17
C LEU B 233 8.78 7.41 -2.05
N PHE B 234 7.52 7.50 -2.48
CA PHE B 234 6.80 8.79 -2.52
C PHE B 234 6.61 9.32 -1.09
N PRO B 235 6.22 8.53 -0.08
CA PRO B 235 6.03 9.11 1.25
C PRO B 235 7.31 9.76 1.77
N ARG B 236 8.47 9.10 1.61
CA ARG B 236 9.77 9.72 1.99
C ARG B 236 10.02 10.99 1.16
N ALA B 237 9.77 10.97 -0.15
CA ALA B 237 9.94 12.18 -1.01
C ALA B 237 9.10 13.35 -0.46
N VAL B 238 7.87 13.08 -0.05
CA VAL B 238 7.02 14.17 0.54
C VAL B 238 7.67 14.67 1.85
N ARG B 239 8.17 13.78 2.71
CA ARG B 239 8.86 14.22 3.98
C ARG B 239 10.07 15.12 3.64
N VAL B 240 10.89 14.69 2.69
CA VAL B 240 12.14 15.41 2.31
C VAL B 240 11.77 16.74 1.64
N ALA B 241 10.89 16.72 0.64
CA ALA B 241 10.48 17.95 -0.09
C ALA B 241 9.90 18.95 0.93
N MET B 242 9.12 18.47 1.89
CA MET B 242 8.47 19.39 2.88
C MET B 242 9.53 19.92 3.88
N THR B 243 10.52 19.09 4.25
CA THR B 243 11.69 19.55 5.03
C THR B 243 12.35 20.72 4.29
N ALA B 244 12.51 20.63 2.96
CA ALA B 244 13.18 21.63 2.12
C ALA B 244 12.29 22.83 1.76
N GLY B 245 11.00 22.87 2.12
CA GLY B 245 10.15 24.05 1.93
C GLY B 245 8.84 23.80 1.15
N ALA B 246 8.63 22.61 0.56
CA ALA B 246 7.35 22.26 -0.11
C ALA B 246 6.24 22.27 0.93
N SER B 247 5.01 22.41 0.47
CA SER B 247 3.78 22.49 1.31
C SER B 247 2.85 21.29 1.11
N GLY B 248 3.30 20.27 0.36
CA GLY B 248 2.58 19.00 0.21
C GLY B 248 2.80 18.35 -1.14
N PHE B 249 1.77 17.68 -1.64
CA PHE B 249 1.96 16.73 -2.78
C PHE B 249 0.73 16.82 -3.68
N LEU B 250 0.97 16.40 -4.92
CA LEU B 250 -0.02 15.94 -5.91
C LEU B 250 0.33 14.51 -6.32
N ALA B 251 -0.57 13.58 -6.01
CA ALA B 251 -0.34 12.14 -6.29
C ALA B 251 -1.31 11.69 -7.39
N GLY B 252 -0.79 10.98 -8.39
CA GLY B 252 -1.61 10.27 -9.38
C GLY B 252 -1.35 8.78 -9.33
N ARG B 253 -0.48 8.29 -10.21
CA ARG B 253 -0.22 6.84 -10.38
C ARG B 253 0.21 6.23 -9.04
N ALA B 254 0.98 6.95 -8.23
CA ALA B 254 1.56 6.40 -6.99
C ALA B 254 0.41 6.01 -6.05
N VAL B 255 -0.76 6.63 -6.21
CA VAL B 255 -1.96 6.28 -5.39
C VAL B 255 -2.82 5.21 -6.10
N TRP B 256 -3.13 5.35 -7.38
CA TRP B 256 -4.16 4.49 -8.03
C TRP B 256 -3.63 3.55 -9.10
N ALA B 257 -2.38 3.65 -9.57
CA ALA B 257 -1.96 2.90 -10.78
C ALA B 257 -1.97 1.39 -10.51
N SER B 258 -1.61 0.94 -9.31
CA SER B 258 -1.34 -0.50 -9.09
C SER B 258 -2.63 -1.33 -9.21
N VAL B 259 -3.83 -0.74 -9.03
CA VAL B 259 -5.12 -1.49 -9.10
C VAL B 259 -5.72 -1.45 -10.51
N VAL B 260 -5.04 -0.85 -11.48
CA VAL B 260 -5.55 -0.75 -12.88
C VAL B 260 -5.65 -2.19 -13.40
N GLY B 261 -6.81 -2.62 -13.87
CA GLY B 261 -7.00 -3.99 -14.39
C GLY B 261 -7.29 -5.03 -13.32
N LEU B 262 -7.28 -4.72 -12.03
CA LEU B 262 -7.73 -5.70 -11.01
C LEU B 262 -9.26 -5.73 -11.02
N PRO B 263 -9.87 -6.89 -10.65
CA PRO B 263 -11.32 -6.98 -10.47
C PRO B 263 -11.80 -6.18 -9.26
N ASP B 264 -13.11 -5.92 -9.19
CA ASP B 264 -13.75 -5.25 -8.02
C ASP B 264 -13.05 -3.91 -7.82
N ASN B 265 -13.14 -3.07 -8.84
CA ASN B 265 -12.50 -1.72 -8.91
C ASN B 265 -12.82 -0.91 -7.65
N GLU B 266 -14.09 -0.84 -7.23
CA GLU B 266 -14.51 0.03 -6.11
C GLU B 266 -13.88 -0.50 -4.82
N LEU B 267 -13.80 -1.82 -4.67
CA LEU B 267 -13.19 -2.47 -3.48
C LEU B 267 -11.67 -2.19 -3.45
N MET B 268 -10.99 -2.27 -4.59
CA MET B 268 -9.52 -2.07 -4.69
C MET B 268 -9.17 -0.61 -4.39
N LEU B 269 -9.95 0.34 -4.89
CA LEU B 269 -9.72 1.78 -4.61
C LEU B 269 -9.83 2.03 -3.09
N ARG B 270 -10.82 1.42 -2.44
CA ARG B 270 -11.07 1.56 -0.96
C ARG B 270 -9.92 0.93 -0.16
N ASP B 271 -9.46 -0.28 -0.51
CA ASP B 271 -8.61 -1.13 0.37
C ASP B 271 -7.13 -0.95 0.05
N VAL B 272 -6.78 -0.66 -1.21
CA VAL B 272 -5.36 -0.55 -1.66
C VAL B 272 -5.01 0.95 -1.78
N CYS B 273 -5.79 1.75 -2.51
CA CYS B 273 -5.39 3.14 -2.89
C CYS B 273 -5.66 4.08 -1.72
N ALA B 274 -6.80 3.98 -1.05
CA ALA B 274 -7.15 4.94 0.02
C ALA B 274 -6.09 4.95 1.13
N PRO B 275 -5.61 3.79 1.68
CA PRO B 275 -4.62 3.83 2.74
C PRO B 275 -3.35 4.60 2.36
N LYS B 276 -2.93 4.55 1.11
CA LYS B 276 -1.73 5.28 0.63
C LYS B 276 -2.01 6.79 0.66
N LEU B 277 -3.19 7.20 0.21
CA LEU B 277 -3.56 8.64 0.14
C LEU B 277 -3.70 9.19 1.56
N GLN B 278 -4.29 8.43 2.47
CA GLN B 278 -4.42 8.82 3.92
C GLN B 278 -3.03 8.98 4.54
N GLN B 279 -2.11 8.06 4.28
CA GLN B 279 -0.75 8.15 4.90
C GLN B 279 -0.06 9.44 4.42
N LEU B 280 -0.18 9.78 3.13
CA LEU B 280 0.42 11.03 2.55
C LEU B 280 -0.21 12.27 3.21
N GLY B 281 -1.51 12.26 3.46
CA GLY B 281 -2.23 13.31 4.19
C GLY B 281 -1.69 13.48 5.60
N ASP B 282 -1.49 12.37 6.33
CA ASP B 282 -0.95 12.37 7.72
C ASP B 282 0.47 12.93 7.72
N ILE B 283 1.29 12.60 6.70
CA ILE B 283 2.68 13.13 6.57
C ILE B 283 2.63 14.66 6.40
N VAL B 284 1.74 15.17 5.56
CA VAL B 284 1.62 16.62 5.31
C VAL B 284 1.25 17.32 6.63
N ASP B 285 0.28 16.78 7.37
CA ASP B 285 -0.18 17.38 8.66
C ASP B 285 1.00 17.43 9.64
N GLU B 286 1.79 16.35 9.70
CA GLU B 286 2.97 16.22 10.59
C GLU B 286 4.03 17.27 10.22
N MET B 287 4.29 17.45 8.93
CA MET B 287 5.38 18.36 8.48
C MET B 287 4.94 19.81 8.70
N MET B 288 3.66 20.12 8.49
CA MET B 288 3.12 21.49 8.66
C MET B 288 3.13 21.85 10.15
N ALA B 289 2.74 20.90 11.02
CA ALA B 289 2.79 21.08 12.49
C ALA B 289 4.23 21.41 12.91
N LYS B 290 5.24 20.67 12.40
CA LYS B 290 6.66 20.86 12.76
C LYS B 290 7.13 22.23 12.24
N ARG B 291 6.61 22.67 11.09
CA ARG B 291 6.96 24.00 10.50
C ARG B 291 6.41 25.14 11.37
N ARG B 292 5.19 25.01 11.90
CA ARG B 292 4.59 26.01 12.80
C ARG B 292 5.43 26.16 14.07
N LEU B 293 6.02 25.08 14.59
CA LEU B 293 6.78 25.11 15.87
C LEU B 293 8.20 25.65 15.66
N GLU B 294 8.62 25.96 14.43
CA GLU B 294 9.97 26.52 14.13
C GLU B 294 9.98 28.01 14.48
#